data_5XNT
#
_entry.id   5XNT
#
_cell.length_a   77.658
_cell.length_b   77.658
_cell.length_c   282.216
_cell.angle_alpha   90.00
_cell.angle_beta   90.00
_cell.angle_gamma   120.00
#
_symmetry.space_group_name_H-M   'P 61 2 2'
#
loop_
_entity.id
_entity.type
_entity.pdbx_description
1 polymer 'Cytochrome P450 CYP106'
2 non-polymer 'PROTOPORPHYRIN IX CONTAINING FE'
3 water water
#
_entity_poly.entity_id   1
_entity_poly.type   'polypeptide(L)'
_entity_poly.pdbx_seq_one_letter_code
;MKEVIAIKEFTRFKTRTEEFSPYAWCKRMLENDPVSYHEGTDTWNVFKYEDVKRVLSDYKHFSSVRKRTTISVGTDSEEG
SVPDKIKITEADPPEHRKRRSLLAAAFTPRSLQNWEPRIQEIADELIEEMDEETEIDIVQSLASPLPIIVMSDLMGVPSK
DRLLFKKWVDILFLPFDKEKQEEVNELKQVAAKEYYQYLYPIVVQKRLNPADDIISDLLKAEVDGEMFTDDEVVRTTMLI
LGAGVETTSHLLANSFYSLLYDDKEVYQELHENLDLVPQAVEEMLRYRFNLIKLDRTVKEDNDLLGVELKEGENVVVWMS
AANLDEEMFEDAFTLNIHRPNNKKHLTFGNGPHFCLGAPLARLEAKIALTTFLKKFKHIEAVPSFQLEDNLTDSATGQTL
TSLPLKACRTL
;
_entity_poly.pdbx_strand_id   A
#
loop_
_chem_comp.id
_chem_comp.type
_chem_comp.name
_chem_comp.formula
HEM non-polymer 'PROTOPORPHYRIN IX CONTAINING FE' 'C34 H32 Fe N4 O4'
#
# COMPACT_ATOMS: atom_id res chain seq x y z
N ILE A 7 4.28 15.46 7.27
CA ILE A 7 2.92 15.02 7.79
C ILE A 7 2.62 15.63 9.17
N LYS A 8 3.42 15.26 10.16
CA LYS A 8 3.22 15.65 11.57
C LYS A 8 2.95 17.14 11.71
N GLU A 9 3.72 17.95 10.98
CA GLU A 9 3.56 19.39 11.00
C GLU A 9 2.41 19.78 10.08
N PHE A 10 1.20 19.58 10.57
CA PHE A 10 -0.08 20.01 9.93
C PHE A 10 -1.26 19.26 10.54
N THR A 11 -1.09 17.94 10.58
CA THR A 11 -2.06 17.06 11.18
C THR A 11 -2.13 17.31 12.67
N ARG A 12 -1.07 16.92 13.38
CA ARG A 12 -0.97 17.05 14.83
C ARG A 12 -2.16 16.39 15.54
N PHE A 13 -2.04 15.08 15.71
CA PHE A 13 -2.97 14.28 16.48
C PHE A 13 -2.41 14.08 17.88
N LYS A 14 -3.30 14.16 18.86
CA LYS A 14 -2.90 14.04 20.27
C LYS A 14 -2.56 12.60 20.68
N THR A 15 -3.14 11.60 20.01
CA THR A 15 -2.88 10.19 20.32
C THR A 15 -2.64 9.41 19.03
N ARG A 16 -2.10 8.22 19.18
CA ARG A 16 -1.91 7.32 18.04
C ARG A 16 -3.23 6.78 17.54
N THR A 17 -4.16 6.55 18.45
CA THR A 17 -5.50 6.14 18.11
C THR A 17 -6.26 7.17 17.23
N GLU A 18 -6.07 8.45 17.50
CA GLU A 18 -6.68 9.49 16.67
C GLU A 18 -6.20 9.42 15.23
N GLU A 19 -4.93 9.06 15.05
CA GLU A 19 -4.24 9.03 13.75
C GLU A 19 -4.53 7.72 12.97
N PHE A 20 -4.70 6.60 13.71
CA PHE A 20 -5.08 5.34 13.11
C PHE A 20 -6.48 5.44 12.53
N SER A 21 -7.39 6.10 13.25
CA SER A 21 -8.77 6.39 12.86
C SER A 21 -9.07 7.90 12.78
N PRO A 22 -8.58 8.59 11.77
CA PRO A 22 -8.65 10.05 11.71
C PRO A 22 -9.93 10.58 11.10
N TYR A 23 -11.08 9.98 11.42
CA TYR A 23 -12.31 10.32 10.74
C TYR A 23 -12.79 11.72 11.06
N ALA A 24 -12.75 12.08 12.33
CA ALA A 24 -13.23 13.41 12.76
C ALA A 24 -12.47 14.56 12.09
N TRP A 25 -11.14 14.43 12.07
CA TRP A 25 -10.24 15.38 11.40
C TRP A 25 -10.52 15.54 9.91
N CYS A 26 -10.70 14.43 9.21
CA CYS A 26 -11.10 14.46 7.80
C CYS A 26 -12.47 15.14 7.65
N LYS A 27 -13.40 14.81 8.54
CA LYS A 27 -14.75 15.37 8.48
C LYS A 27 -14.68 16.86 8.58
N ARG A 28 -13.95 17.36 9.55
CA ARG A 28 -13.95 18.79 9.81
C ARG A 28 -13.15 19.58 8.75
N MET A 29 -12.09 19.00 8.19
CA MET A 29 -11.43 19.57 7.01
C MET A 29 -12.32 19.54 5.76
N LEU A 30 -13.11 18.48 5.58
CA LEU A 30 -13.95 18.39 4.38
C LEU A 30 -15.06 19.43 4.38
N GLU A 31 -15.49 19.82 5.57
CA GLU A 31 -16.64 20.73 5.76
C GLU A 31 -16.26 22.15 6.10
N ASN A 32 -15.15 22.36 6.82
CA ASN A 32 -14.76 23.66 7.34
C ASN A 32 -13.45 24.20 6.74
N ASP A 33 -12.66 23.39 6.03
CA ASP A 33 -11.39 23.90 5.48
C ASP A 33 -10.90 23.03 4.33
N PRO A 34 -11.73 22.85 3.29
CA PRO A 34 -11.43 21.95 2.16
C PRO A 34 -10.17 22.29 1.33
N VAL A 35 -9.71 23.55 1.38
CA VAL A 35 -8.51 24.01 0.66
C VAL A 35 -7.68 24.94 1.55
N SER A 36 -6.92 24.39 2.45
CA SER A 36 -6.22 25.18 3.47
C SER A 36 -4.75 25.36 3.15
N TYR A 37 -4.26 26.60 3.09
CA TYR A 37 -2.80 26.85 3.10
C TYR A 37 -2.20 26.53 4.49
N HIS A 38 -0.94 26.13 4.52
CA HIS A 38 -0.25 25.88 5.78
C HIS A 38 1.10 26.57 5.79
N GLU A 39 1.11 27.77 6.39
CA GLU A 39 2.32 28.57 6.63
C GLU A 39 3.56 27.75 7.09
N GLY A 40 3.37 26.82 8.03
CA GLY A 40 4.50 26.10 8.65
C GLY A 40 5.27 25.11 7.78
N THR A 41 4.64 24.61 6.72
CA THR A 41 5.27 23.74 5.72
C THR A 41 5.20 24.30 4.29
N ASP A 42 4.50 25.42 4.08
CA ASP A 42 4.38 26.09 2.78
C ASP A 42 3.68 25.21 1.70
N THR A 43 2.62 24.51 2.13
CA THR A 43 1.80 23.65 1.30
C THR A 43 0.36 24.14 1.28
N TRP A 44 -0.29 24.02 0.12
CA TRP A 44 -1.77 23.93 0.06
C TRP A 44 -2.25 22.49 0.35
N ASN A 45 -3.51 22.34 0.76
CA ASN A 45 -4.02 21.06 1.24
C ASN A 45 -5.43 20.89 0.76
N VAL A 46 -5.58 19.92 -0.14
CA VAL A 46 -6.83 19.66 -0.84
C VAL A 46 -7.44 18.39 -0.27
N PHE A 47 -8.75 18.44 -0.07
CA PHE A 47 -9.49 17.39 0.61
C PHE A 47 -10.70 16.85 -0.13
N LYS A 48 -11.43 17.70 -0.85
CA LYS A 48 -12.64 17.23 -1.53
C LYS A 48 -12.32 16.24 -2.66
N TYR A 49 -13.27 15.36 -2.94
CA TYR A 49 -13.08 14.30 -3.91
C TYR A 49 -12.85 14.84 -5.29
N GLU A 50 -13.73 15.73 -5.74
CA GLU A 50 -13.63 16.24 -7.11
C GLU A 50 -12.33 16.99 -7.31
N ASP A 51 -11.89 17.72 -6.28
CA ASP A 51 -10.65 18.50 -6.35
C ASP A 51 -9.44 17.62 -6.23
N VAL A 52 -9.45 16.65 -5.32
CA VAL A 52 -8.35 15.68 -5.25
C VAL A 52 -8.16 14.94 -6.56
N LYS A 53 -9.25 14.52 -7.19
CA LYS A 53 -9.17 13.81 -8.47
C LYS A 53 -8.60 14.67 -9.57
N ARG A 54 -8.96 15.97 -9.54
CA ARG A 54 -8.46 16.93 -10.54
C ARG A 54 -6.94 17.12 -10.42
N VAL A 55 -6.45 17.26 -9.20
CA VAL A 55 -5.00 17.42 -8.98
C VAL A 55 -4.22 16.16 -9.39
N LEU A 56 -4.71 14.97 -9.02
CA LEU A 56 -4.05 13.71 -9.38
C LEU A 56 -3.99 13.43 -10.89
N SER A 57 -5.00 13.86 -11.62
CA SER A 57 -5.14 13.49 -13.03
C SER A 57 -4.66 14.59 -14.02
N ASP A 58 -4.85 15.86 -13.66
CA ASP A 58 -4.51 17.00 -14.50
C ASP A 58 -3.02 17.36 -14.29
N TYR A 59 -2.17 16.51 -14.86
CA TYR A 59 -0.70 16.73 -14.92
C TYR A 59 -0.29 18.06 -15.51
N LYS A 60 -1.11 18.58 -16.45
CA LYS A 60 -0.83 19.86 -17.15
C LYS A 60 -0.84 21.09 -16.21
N HIS A 61 -1.79 21.15 -15.29
CA HIS A 61 -1.81 22.19 -14.26
C HIS A 61 -1.09 21.76 -12.97
N PHE A 62 -0.99 20.46 -12.68
CA PHE A 62 -0.33 19.97 -11.44
C PHE A 62 0.58 18.85 -11.76
N SER A 63 1.84 18.95 -11.32
CA SER A 63 2.91 18.13 -11.88
C SER A 63 3.63 17.30 -10.86
N SER A 64 4.06 16.14 -11.30
CA SER A 64 4.75 15.19 -10.45
C SER A 64 6.23 15.52 -10.24
N VAL A 65 6.79 16.46 -10.99
CA VAL A 65 8.20 16.89 -10.77
C VAL A 65 8.21 17.88 -9.60
N ARG A 66 9.17 17.75 -8.67
CA ARG A 66 9.06 18.41 -7.35
C ARG A 66 10.42 18.72 -6.70
N LYS A 67 10.37 19.22 -5.46
CA LYS A 67 11.43 19.14 -4.44
C LYS A 67 12.78 18.59 -4.91
N SER A 81 20.24 5.18 -3.50
CA SER A 81 20.02 5.89 -4.76
C SER A 81 19.07 5.13 -5.72
N VAL A 82 18.41 5.88 -6.62
CA VAL A 82 17.31 5.35 -7.46
C VAL A 82 17.62 5.63 -8.95
N PRO A 83 17.56 4.58 -9.82
CA PRO A 83 18.24 4.54 -11.15
C PRO A 83 18.28 5.79 -12.05
N ASP A 84 17.12 6.47 -12.17
CA ASP A 84 16.92 7.69 -12.98
C ASP A 84 15.92 7.43 -14.10
N LYS A 85 16.23 6.43 -14.92
CA LYS A 85 15.28 5.91 -15.94
C LYS A 85 14.08 5.20 -15.31
N ILE A 86 14.05 5.04 -13.98
CA ILE A 86 12.91 4.45 -13.32
C ILE A 86 12.37 5.27 -12.13
N LYS A 87 12.66 6.58 -12.10
CA LYS A 87 12.03 7.46 -11.13
C LYS A 87 10.67 7.81 -11.73
N ILE A 88 9.78 6.83 -11.69
CA ILE A 88 8.52 6.85 -12.41
C ILE A 88 7.51 7.85 -11.81
N THR A 89 7.48 7.92 -10.49
CA THR A 89 6.72 8.90 -9.73
C THR A 89 7.05 10.36 -10.09
N GLU A 90 8.31 10.60 -10.47
CA GLU A 90 8.83 11.93 -10.67
C GLU A 90 8.91 12.36 -12.13
N ALA A 91 7.89 12.04 -12.92
CA ALA A 91 7.86 12.41 -14.35
C ALA A 91 6.42 12.56 -14.81
N ASP A 92 6.16 13.48 -15.74
CA ASP A 92 4.81 13.63 -16.32
C ASP A 92 4.82 13.01 -17.69
N PRO A 93 3.62 12.84 -18.28
CA PRO A 93 3.63 12.66 -19.72
C PRO A 93 4.38 13.83 -20.42
N PRO A 94 5.21 13.55 -21.45
CA PRO A 94 5.27 12.22 -22.10
C PRO A 94 6.42 11.30 -21.69
N GLU A 95 7.38 11.74 -20.87
CA GLU A 95 8.52 10.87 -20.49
C GLU A 95 8.20 9.83 -19.40
N HIS A 96 7.09 10.01 -18.70
CA HIS A 96 6.53 9.03 -17.76
C HIS A 96 6.24 7.69 -18.43
N ARG A 97 5.60 7.77 -19.60
CA ARG A 97 5.29 6.59 -20.41
C ARG A 97 6.51 5.65 -20.59
N LYS A 98 7.67 6.23 -20.85
CA LYS A 98 8.90 5.43 -20.94
C LYS A 98 9.20 4.73 -19.61
N ARG A 99 9.28 5.48 -18.52
CA ARG A 99 9.55 4.89 -17.20
C ARG A 99 8.55 3.80 -16.80
N ARG A 100 7.26 4.10 -16.94
CA ARG A 100 6.20 3.13 -16.65
C ARG A 100 6.19 1.89 -17.56
N SER A 101 6.41 2.05 -18.85
CA SER A 101 6.49 0.88 -19.73
C SER A 101 7.65 -0.02 -19.32
N LEU A 102 8.77 0.60 -18.95
CA LEU A 102 9.96 -0.12 -18.49
C LEU A 102 9.62 -1.02 -17.33
N LEU A 103 9.02 -0.46 -16.30
CA LEU A 103 8.61 -1.23 -15.13
C LEU A 103 7.45 -2.18 -15.40
N ALA A 104 6.49 -1.76 -16.23
CA ALA A 104 5.33 -2.62 -16.54
C ALA A 104 5.69 -3.93 -17.21
N ALA A 105 6.90 -4.07 -17.74
CA ALA A 105 7.35 -5.37 -18.27
C ALA A 105 7.31 -6.52 -17.28
N ALA A 106 7.43 -6.22 -15.99
CA ALA A 106 7.37 -7.19 -14.90
C ALA A 106 5.95 -7.39 -14.36
N PHE A 107 5.02 -6.55 -14.80
CA PHE A 107 3.65 -6.61 -14.35
C PHE A 107 2.72 -6.84 -15.52
N THR A 108 3.05 -7.79 -16.39
CA THR A 108 2.14 -8.13 -17.50
C THR A 108 0.95 -8.97 -17.03
N PRO A 109 -0.18 -8.88 -17.75
CA PRO A 109 -1.33 -9.76 -17.46
C PRO A 109 -1.03 -11.25 -17.54
N ARG A 110 -0.15 -11.66 -18.43
CA ARG A 110 0.37 -13.04 -18.39
C ARG A 110 1.00 -13.44 -17.03
N SER A 111 1.94 -12.65 -16.52
CA SER A 111 2.59 -12.92 -15.24
C SER A 111 1.56 -12.98 -14.16
N LEU A 112 0.65 -12.02 -14.18
CA LEU A 112 -0.39 -11.92 -13.15
C LEU A 112 -1.24 -13.20 -13.08
N GLN A 113 -1.71 -13.64 -14.24
CA GLN A 113 -2.36 -14.95 -14.42
C GLN A 113 -1.55 -16.07 -13.82
N ASN A 114 -0.24 -16.08 -14.05
CA ASN A 114 0.64 -17.12 -13.46
C ASN A 114 0.80 -16.95 -11.95
N TRP A 115 0.76 -15.73 -11.44
CA TRP A 115 0.98 -15.46 -10.02
C TRP A 115 -0.10 -15.97 -9.08
N GLU A 116 -1.34 -16.03 -9.55
CA GLU A 116 -2.44 -16.43 -8.68
C GLU A 116 -2.22 -17.75 -7.92
N PRO A 117 -1.94 -18.88 -8.62
CA PRO A 117 -1.68 -20.16 -7.90
C PRO A 117 -0.50 -20.14 -6.89
N ARG A 118 0.53 -19.36 -7.20
CA ARG A 118 1.70 -19.20 -6.33
C ARG A 118 1.35 -18.33 -5.15
N ILE A 119 0.53 -17.30 -5.37
CA ILE A 119 0.04 -16.55 -4.23
C ILE A 119 -0.87 -17.40 -3.35
N GLN A 120 -1.68 -18.25 -3.97
CA GLN A 120 -2.55 -19.16 -3.19
C GLN A 120 -1.77 -20.13 -2.30
N GLU A 121 -0.73 -20.77 -2.83
CA GLU A 121 -0.01 -21.76 -2.03
C GLU A 121 0.56 -21.12 -0.77
N ILE A 122 1.16 -19.96 -0.94
CA ILE A 122 1.74 -19.25 0.19
C ILE A 122 0.67 -18.88 1.22
N ALA A 123 -0.50 -18.44 0.76
CA ALA A 123 -1.58 -18.11 1.66
C ALA A 123 -2.02 -19.36 2.47
N ASP A 124 -2.21 -20.47 1.75
CA ASP A 124 -2.49 -21.76 2.37
C ASP A 124 -1.46 -22.14 3.42
N GLU A 125 -0.18 -22.00 3.11
CA GLU A 125 0.85 -22.41 4.08
C GLU A 125 0.68 -21.61 5.36
N LEU A 126 0.57 -20.29 5.25
CA LEU A 126 0.45 -19.41 6.42
C LEU A 126 -0.81 -19.66 7.24
N ILE A 127 -1.92 -19.93 6.57
CA ILE A 127 -3.19 -20.16 7.26
C ILE A 127 -3.30 -21.58 7.83
N GLU A 128 -2.70 -22.56 7.15
CA GLU A 128 -2.65 -23.87 7.75
C GLU A 128 -1.83 -23.79 9.03
N GLU A 129 -0.82 -22.94 9.07
CA GLU A 129 0.00 -22.82 10.28
C GLU A 129 -0.72 -22.18 11.51
N MET A 130 -1.87 -21.53 11.32
CA MET A 130 -2.64 -20.94 12.41
C MET A 130 -3.54 -21.98 13.06
N ASP A 131 -3.62 -21.97 14.40
CA ASP A 131 -4.56 -22.85 15.14
C ASP A 131 -5.73 -22.15 15.94
N GLU A 132 -6.93 -22.68 15.71
CA GLU A 132 -8.15 -22.38 16.47
C GLU A 132 -7.96 -22.24 17.98
N GLU A 133 -7.17 -23.13 18.58
CA GLU A 133 -7.03 -23.17 20.06
C GLU A 133 -6.50 -21.88 20.66
N THR A 134 -5.45 -21.31 20.06
CA THR A 134 -4.82 -20.08 20.57
C THR A 134 -5.27 -18.78 19.89
N GLU A 135 -4.90 -17.68 20.52
CA GLU A 135 -5.00 -16.40 19.88
C GLU A 135 -3.93 -16.34 18.79
N ILE A 136 -4.37 -15.94 17.61
CA ILE A 136 -3.53 -15.73 16.47
C ILE A 136 -3.23 -14.23 16.38
N ASP A 137 -1.98 -13.88 16.05
CA ASP A 137 -1.61 -12.50 15.77
C ASP A 137 -1.56 -12.32 14.28
N ILE A 138 -2.50 -11.55 13.76
CA ILE A 138 -2.72 -11.41 12.34
C ILE A 138 -1.59 -10.69 11.61
N VAL A 139 -1.03 -9.65 12.22
CA VAL A 139 0.12 -8.95 11.66
C VAL A 139 1.32 -9.89 11.56
N GLN A 140 1.65 -10.55 12.67
CA GLN A 140 2.81 -11.48 12.71
C GLN A 140 2.62 -12.70 11.84
N SER A 141 1.41 -13.21 11.75
CA SER A 141 1.20 -14.48 11.07
C SER A 141 0.58 -14.37 9.68
N LEU A 142 0.15 -13.20 9.25
CA LEU A 142 -0.41 -13.07 7.90
C LEU A 142 -0.17 -11.74 7.19
N ALA A 143 -0.56 -10.60 7.81
CA ALA A 143 -0.44 -9.30 7.14
C ALA A 143 1.03 -8.92 6.77
N SER A 144 1.98 -9.19 7.66
CA SER A 144 3.40 -8.91 7.36
C SER A 144 4.08 -9.91 6.44
N PRO A 145 4.05 -11.21 6.78
CA PRO A 145 4.75 -12.18 5.92
C PRO A 145 4.15 -12.42 4.52
N LEU A 146 2.84 -12.34 4.32
CA LEU A 146 2.29 -12.63 2.98
C LEU A 146 2.84 -11.73 1.86
N PRO A 147 2.80 -10.40 2.03
CA PRO A 147 3.40 -9.59 0.96
C PRO A 147 4.89 -9.86 0.76
N ILE A 148 5.61 -10.19 1.84
CA ILE A 148 7.04 -10.44 1.72
C ILE A 148 7.32 -11.77 1.10
N ILE A 149 6.66 -12.80 1.58
CA ILE A 149 6.85 -14.12 1.01
C ILE A 149 6.44 -14.09 -0.47
N VAL A 150 5.31 -13.43 -0.76
CA VAL A 150 4.84 -13.28 -2.12
C VAL A 150 5.88 -12.62 -3.00
N MET A 151 6.48 -11.54 -2.51
CA MET A 151 7.40 -10.79 -3.36
C MET A 151 8.71 -11.54 -3.52
N SER A 152 9.09 -12.35 -2.55
CA SER A 152 10.28 -13.18 -2.71
C SER A 152 10.05 -14.19 -3.81
N ASP A 153 8.84 -14.75 -3.86
CA ASP A 153 8.48 -15.73 -4.87
C ASP A 153 8.43 -15.10 -6.27
N LEU A 154 7.74 -13.98 -6.42
CA LEU A 154 7.53 -13.47 -7.76
C LEU A 154 8.82 -12.89 -8.32
N MET A 155 9.77 -12.62 -7.43
CA MET A 155 11.07 -12.10 -7.81
C MET A 155 12.01 -13.16 -8.33
N GLY A 156 11.83 -14.38 -7.80
CA GLY A 156 12.62 -15.53 -8.15
C GLY A 156 13.70 -15.83 -7.15
N VAL A 157 13.56 -15.33 -5.92
CA VAL A 157 14.42 -15.76 -4.79
C VAL A 157 14.07 -17.20 -4.42
N PRO A 158 15.08 -18.10 -4.31
CA PRO A 158 14.88 -19.49 -3.89
C PRO A 158 14.15 -19.56 -2.57
N SER A 159 13.29 -20.54 -2.41
CA SER A 159 12.55 -20.68 -1.18
C SER A 159 13.46 -20.91 -0.01
N LYS A 160 14.56 -21.63 -0.17
CA LYS A 160 15.52 -21.82 0.94
C LYS A 160 16.06 -20.50 1.54
N ASP A 161 16.14 -19.45 0.73
CA ASP A 161 16.63 -18.14 1.20
C ASP A 161 15.51 -17.14 1.58
N ARG A 162 14.26 -17.57 1.46
CA ARG A 162 13.05 -16.80 1.83
C ARG A 162 13.10 -16.10 3.17
N LEU A 163 13.55 -16.82 4.19
CA LEU A 163 13.64 -16.28 5.56
C LEU A 163 14.75 -15.23 5.67
N LEU A 164 15.79 -15.41 4.87
CA LEU A 164 16.90 -14.47 4.84
C LEU A 164 16.43 -13.16 4.18
N PHE A 165 15.83 -13.31 3.00
CA PHE A 165 15.10 -12.22 2.34
C PHE A 165 14.16 -11.47 3.28
N LYS A 166 13.34 -12.22 4.01
CA LYS A 166 12.39 -11.61 4.93
C LYS A 166 13.09 -10.74 5.96
N LYS A 167 14.21 -11.22 6.51
CA LYS A 167 14.98 -10.41 7.47
C LYS A 167 15.32 -9.04 6.92
N TRP A 168 15.77 -8.94 5.67
CA TRP A 168 16.18 -7.63 5.13
C TRP A 168 15.01 -6.79 4.72
N VAL A 169 14.03 -7.43 4.10
CA VAL A 169 12.82 -6.73 3.68
C VAL A 169 12.06 -6.11 4.88
N ASP A 170 11.86 -6.86 5.97
CA ASP A 170 11.43 -6.32 7.27
C ASP A 170 12.10 -4.99 7.60
N ILE A 171 13.42 -5.00 7.71
CA ILE A 171 14.16 -3.88 8.22
C ILE A 171 14.00 -2.67 7.29
N LEU A 172 14.29 -2.89 6.02
CA LEU A 172 14.21 -1.81 5.05
C LEU A 172 12.81 -1.22 4.89
N PHE A 173 11.80 -2.10 4.84
CA PHE A 173 10.48 -1.76 4.26
C PHE A 173 9.27 -1.88 5.16
N LEU A 174 9.42 -2.44 6.35
CA LEU A 174 8.28 -2.56 7.23
C LEU A 174 8.45 -1.57 8.33
N PRO A 175 7.36 -0.88 8.66
CA PRO A 175 7.33 0.41 9.33
C PRO A 175 8.10 0.35 10.61
N PHE A 176 9.40 0.66 10.50
CA PHE A 176 10.31 0.62 11.63
C PHE A 176 10.00 -0.64 12.44
N ASP A 177 10.59 -0.76 13.62
CA ASP A 177 10.02 -1.62 14.64
C ASP A 177 9.14 -0.72 15.52
N LYS A 178 8.95 -1.05 16.79
CA LYS A 178 8.08 -0.27 17.67
C LYS A 178 8.90 0.86 18.34
N GLU A 179 9.93 0.47 19.11
CA GLU A 179 10.66 1.38 20.02
C GLU A 179 11.87 2.13 19.44
N LYS A 180 12.16 1.97 18.15
CA LYS A 180 13.46 2.33 17.56
C LYS A 180 13.68 3.85 17.33
N GLN A 181 14.92 4.22 16.95
CA GLN A 181 15.35 5.64 16.81
C GLN A 181 16.08 5.98 15.45
N GLU A 182 17.28 6.61 15.52
CA GLU A 182 18.12 6.96 14.34
C GLU A 182 19.35 6.05 14.16
N GLU A 183 19.49 5.05 15.03
CA GLU A 183 20.38 3.91 14.79
C GLU A 183 19.68 2.93 13.81
N VAL A 184 18.36 3.10 13.62
CA VAL A 184 17.62 2.57 12.46
C VAL A 184 18.28 2.90 11.13
N ASN A 185 18.64 4.16 10.91
CA ASN A 185 19.30 4.57 9.66
C ASN A 185 20.55 3.75 9.38
N GLU A 186 21.29 3.37 10.43
CA GLU A 186 22.48 2.52 10.32
C GLU A 186 22.09 1.07 10.02
N LEU A 187 21.04 0.59 10.69
CA LEU A 187 20.52 -0.77 10.44
C LEU A 187 19.95 -0.94 9.03
N LYS A 188 19.27 0.09 8.56
CA LYS A 188 18.79 0.12 7.21
C LYS A 188 19.96 0.12 6.26
N GLN A 189 20.93 1.01 6.48
CA GLN A 189 22.08 1.05 5.59
C GLN A 189 22.76 -0.35 5.45
N VAL A 190 22.85 -1.09 6.55
CA VAL A 190 23.46 -2.41 6.47
C VAL A 190 22.59 -3.40 5.68
N ALA A 191 21.31 -3.47 6.04
CA ALA A 191 20.38 -4.32 5.29
C ALA A 191 20.40 -4.06 3.77
N ALA A 192 20.44 -2.78 3.40
CA ALA A 192 20.58 -2.39 2.00
C ALA A 192 21.82 -3.00 1.37
N LYS A 193 22.95 -2.88 2.07
CA LYS A 193 24.23 -3.43 1.60
C LYS A 193 24.19 -4.99 1.52
N GLU A 194 23.56 -5.64 2.47
CA GLU A 194 23.50 -7.09 2.47
C GLU A 194 22.53 -7.62 1.45
N TYR A 195 21.40 -6.93 1.27
CA TYR A 195 20.40 -7.23 0.24
C TYR A 195 21.07 -7.23 -1.13
N TYR A 196 21.68 -6.12 -1.45
CA TYR A 196 22.40 -5.98 -2.71
C TYR A 196 23.42 -7.11 -2.91
N GLN A 197 24.33 -7.32 -1.95
CA GLN A 197 25.27 -8.44 -1.99
C GLN A 197 24.59 -9.75 -2.35
N TYR A 198 23.44 -10.01 -1.72
CA TYR A 198 22.63 -11.23 -1.94
C TYR A 198 21.91 -11.34 -3.29
N LEU A 199 21.27 -10.26 -3.71
CA LEU A 199 20.43 -10.33 -4.89
C LEU A 199 21.22 -10.26 -6.20
N TYR A 200 22.29 -9.47 -6.24
CA TYR A 200 22.95 -9.21 -7.51
C TYR A 200 23.29 -10.51 -8.27
N PRO A 201 23.85 -11.53 -7.56
CA PRO A 201 24.21 -12.80 -8.26
C PRO A 201 23.02 -13.58 -8.80
N ILE A 202 21.89 -13.44 -8.15
CA ILE A 202 20.64 -14.01 -8.71
C ILE A 202 20.23 -13.29 -10.01
N VAL A 203 20.36 -11.97 -10.03
CA VAL A 203 20.16 -11.21 -11.26
C VAL A 203 21.12 -11.64 -12.34
N VAL A 204 22.40 -11.79 -11.98
CA VAL A 204 23.40 -12.21 -12.98
C VAL A 204 23.02 -13.56 -13.59
N GLN A 205 22.56 -14.46 -12.75
CA GLN A 205 22.27 -15.80 -13.19
C GLN A 205 20.99 -15.86 -14.01
N LYS A 206 20.04 -14.98 -13.72
CA LYS A 206 18.82 -14.93 -14.52
C LYS A 206 19.01 -14.18 -15.82
N ARG A 207 19.99 -13.26 -15.90
CA ARG A 207 20.38 -12.75 -17.22
C ARG A 207 20.71 -13.94 -18.12
N LEU A 208 21.57 -14.87 -17.68
CA LEU A 208 21.88 -16.07 -18.47
C LEU A 208 20.72 -17.12 -18.59
N ASN A 209 19.89 -17.30 -17.57
CA ASN A 209 18.95 -18.43 -17.50
C ASN A 209 17.64 -17.94 -16.93
N PRO A 210 16.81 -17.34 -17.77
CA PRO A 210 15.57 -16.69 -17.29
C PRO A 210 14.44 -17.67 -16.97
N ALA A 211 13.50 -17.17 -16.17
CA ALA A 211 12.36 -17.92 -15.60
C ALA A 211 11.16 -16.96 -15.41
N ASP A 212 9.98 -17.46 -15.05
CA ASP A 212 8.80 -16.56 -14.93
C ASP A 212 8.89 -15.86 -13.57
N ASP A 213 9.57 -14.72 -13.59
CA ASP A 213 9.72 -13.88 -12.42
C ASP A 213 10.12 -12.47 -12.82
N ILE A 214 9.91 -11.57 -11.87
CA ILE A 214 10.07 -10.15 -12.08
C ILE A 214 11.49 -9.83 -12.55
N ILE A 215 12.48 -10.40 -11.89
CA ILE A 215 13.87 -10.15 -12.28
C ILE A 215 14.16 -10.46 -13.73
N SER A 216 13.78 -11.65 -14.17
CA SER A 216 13.95 -12.05 -15.58
C SER A 216 13.26 -11.10 -16.55
N ASP A 217 12.01 -10.72 -16.25
CA ASP A 217 11.29 -9.76 -17.09
C ASP A 217 11.89 -8.39 -17.10
N LEU A 218 12.40 -7.91 -15.97
CA LEU A 218 13.09 -6.64 -16.00
C LEU A 218 14.37 -6.69 -16.86
N LEU A 219 15.06 -7.82 -16.89
CA LEU A 219 16.28 -7.99 -17.72
C LEU A 219 15.98 -8.02 -19.22
N LYS A 220 14.87 -8.62 -19.62
CA LYS A 220 14.47 -8.64 -21.02
C LYS A 220 13.77 -7.37 -21.50
N ALA A 221 13.44 -6.46 -20.60
CA ALA A 221 12.76 -5.22 -20.98
C ALA A 221 13.63 -4.34 -21.82
N GLU A 222 13.04 -3.80 -22.88
CA GLU A 222 13.66 -2.79 -23.72
C GLU A 222 12.57 -1.78 -24.05
N VAL A 223 12.74 -0.53 -23.73
CA VAL A 223 11.68 0.43 -24.08
C VAL A 223 12.40 1.64 -24.53
N ASP A 224 12.04 2.16 -25.71
CA ASP A 224 12.67 3.36 -26.32
C ASP A 224 14.20 3.32 -26.26
N GLY A 225 14.77 2.19 -26.63
CA GLY A 225 16.21 1.94 -26.52
C GLY A 225 16.86 1.95 -25.13
N GLU A 226 16.08 1.81 -24.06
CA GLU A 226 16.58 1.68 -22.70
C GLU A 226 16.45 0.24 -22.24
N MET A 227 17.56 -0.31 -21.75
CA MET A 227 17.62 -1.62 -21.10
C MET A 227 18.27 -1.38 -19.76
N PHE A 228 18.00 -2.24 -18.80
CA PHE A 228 18.57 -2.16 -17.47
C PHE A 228 19.89 -2.89 -17.36
N THR A 229 20.80 -2.31 -16.57
CA THR A 229 21.96 -3.04 -16.07
C THR A 229 21.52 -3.87 -14.92
N ASP A 230 22.36 -4.83 -14.54
CA ASP A 230 22.12 -5.72 -13.39
C ASP A 230 21.98 -4.93 -12.11
N ASP A 231 22.85 -3.95 -11.95
CA ASP A 231 22.73 -3.00 -10.85
C ASP A 231 21.38 -2.26 -10.88
N GLU A 232 20.92 -1.79 -12.03
CA GLU A 232 19.60 -1.12 -12.09
C GLU A 232 18.42 -2.06 -11.78
N VAL A 233 18.52 -3.32 -12.20
CA VAL A 233 17.51 -4.33 -11.86
C VAL A 233 17.45 -4.50 -10.36
N VAL A 234 18.60 -4.59 -9.71
CA VAL A 234 18.62 -4.79 -8.26
C VAL A 234 18.00 -3.61 -7.58
N ARG A 235 18.42 -2.39 -7.92
CA ARG A 235 17.84 -1.18 -7.33
C ARG A 235 16.34 -1.01 -7.63
N THR A 236 15.88 -1.58 -8.75
CA THR A 236 14.47 -1.55 -9.15
C THR A 236 13.63 -2.49 -8.31
N THR A 237 14.16 -3.64 -7.97
CA THR A 237 13.44 -4.47 -7.04
C THR A 237 13.27 -3.76 -5.69
N MET A 238 14.24 -2.95 -5.27
CA MET A 238 14.08 -2.23 -4.01
C MET A 238 12.98 -1.23 -4.10
N LEU A 239 12.91 -0.57 -5.25
CA LEU A 239 11.80 0.32 -5.53
C LEU A 239 10.43 -0.39 -5.43
N ILE A 240 10.34 -1.56 -6.02
CA ILE A 240 9.10 -2.31 -6.07
C ILE A 240 8.66 -2.79 -4.69
N LEU A 241 9.61 -3.35 -3.96
CA LEU A 241 9.39 -3.71 -2.55
C LEU A 241 8.98 -2.51 -1.74
N GLY A 242 9.63 -1.37 -1.96
CA GLY A 242 9.33 -0.14 -1.25
C GLY A 242 7.97 0.43 -1.55
N ALA A 243 7.43 0.08 -2.70
CA ALA A 243 6.12 0.53 -3.12
C ALA A 243 4.98 -0.39 -2.65
N GLY A 244 5.28 -1.64 -2.41
CA GLY A 244 4.23 -2.62 -2.31
C GLY A 244 4.18 -3.45 -1.06
N VAL A 245 5.13 -3.28 -0.15
CA VAL A 245 5.16 -4.13 1.01
C VAL A 245 4.49 -3.48 2.19
N GLU A 246 4.91 -2.27 2.55
CA GLU A 246 4.26 -1.56 3.64
C GLU A 246 2.77 -1.40 3.29
N THR A 247 2.47 -1.02 2.07
CA THR A 247 1.11 -0.70 1.69
C THR A 247 0.22 -1.91 1.70
N THR A 248 0.73 -3.03 1.17
CA THR A 248 -0.08 -4.24 1.14
C THR A 248 -0.22 -4.77 2.56
N SER A 249 0.84 -4.69 3.33
CA SER A 249 0.77 -5.13 4.72
C SER A 249 -0.29 -4.36 5.52
N HIS A 250 -0.33 -3.04 5.31
CA HIS A 250 -1.25 -2.12 5.98
C HIS A 250 -2.72 -2.44 5.65
N LEU A 251 -3.00 -2.69 4.38
CA LEU A 251 -4.34 -3.06 3.94
C LEU A 251 -4.79 -4.35 4.57
N LEU A 252 -3.96 -5.36 4.55
CA LEU A 252 -4.31 -6.63 5.20
C LEU A 252 -4.65 -6.46 6.70
N ALA A 253 -3.73 -5.83 7.42
CA ALA A 253 -3.91 -5.57 8.85
C ALA A 253 -5.20 -4.85 9.13
N ASN A 254 -5.43 -3.75 8.45
CA ASN A 254 -6.61 -2.93 8.72
C ASN A 254 -7.88 -3.61 8.26
N SER A 255 -7.78 -4.49 7.27
CA SER A 255 -8.94 -5.32 6.91
C SER A 255 -9.38 -6.25 8.04
N PHE A 256 -8.45 -6.92 8.71
CA PHE A 256 -8.86 -7.68 9.90
C PHE A 256 -9.25 -6.79 11.06
N TYR A 257 -8.61 -5.64 11.21
CA TYR A 257 -9.03 -4.71 12.26
C TYR A 257 -10.51 -4.38 12.07
N SER A 258 -10.86 -4.03 10.83
CA SER A 258 -12.23 -3.60 10.59
C SER A 258 -13.23 -4.71 10.85
N LEU A 259 -12.91 -5.91 10.40
CA LEU A 259 -13.72 -7.09 10.69
C LEU A 259 -13.90 -7.43 12.18
N LEU A 260 -12.97 -7.01 13.04
CA LEU A 260 -13.10 -7.20 14.48
C LEU A 260 -13.80 -6.07 15.24
N TYR A 261 -13.69 -4.82 14.76
CA TYR A 261 -14.17 -3.65 15.50
C TYR A 261 -15.15 -2.69 14.85
N ASP A 262 -15.26 -2.67 13.52
CA ASP A 262 -16.12 -1.69 12.87
C ASP A 262 -17.51 -2.18 12.62
N ASP A 263 -17.68 -3.48 12.42
CA ASP A 263 -19.00 -4.05 12.18
C ASP A 263 -18.95 -5.55 12.45
N LYS A 264 -19.57 -5.94 13.57
CA LYS A 264 -19.78 -7.32 14.00
C LYS A 264 -20.01 -8.29 12.87
N GLU A 265 -21.03 -7.92 12.08
CA GLU A 265 -21.69 -8.83 11.14
C GLU A 265 -20.91 -9.07 9.89
N VAL A 266 -20.12 -8.11 9.44
CA VAL A 266 -19.46 -8.20 8.13
C VAL A 266 -18.70 -9.53 7.99
N TYR A 267 -18.06 -10.02 9.03
CA TYR A 267 -17.34 -11.27 8.89
C TYR A 267 -18.26 -12.41 8.44
N GLN A 268 -19.32 -12.63 9.20
CA GLN A 268 -20.31 -13.65 8.90
C GLN A 268 -20.84 -13.48 7.52
N GLU A 269 -21.20 -12.25 7.19
CA GLU A 269 -21.64 -11.92 5.86
C GLU A 269 -20.69 -12.43 4.76
N LEU A 270 -19.42 -12.17 4.91
CA LEU A 270 -18.45 -12.61 3.92
C LEU A 270 -18.32 -14.11 3.94
N HIS A 271 -18.37 -14.70 5.14
CA HIS A 271 -18.27 -16.14 5.28
C HIS A 271 -19.33 -16.92 4.50
N GLU A 272 -20.54 -16.39 4.48
CA GLU A 272 -21.66 -16.93 3.77
C GLU A 272 -21.70 -16.57 2.30
N ASN A 273 -20.97 -15.55 1.89
CA ASN A 273 -20.94 -15.18 0.49
C ASN A 273 -19.54 -14.70 0.10
N LEU A 274 -18.66 -15.65 -0.09
CA LEU A 274 -17.31 -15.42 -0.58
C LEU A 274 -17.12 -14.59 -1.86
N ASP A 275 -18.14 -14.58 -2.71
CA ASP A 275 -18.16 -13.65 -3.84
C ASP A 275 -18.19 -12.17 -3.43
N LEU A 276 -18.54 -11.85 -2.18
CA LEU A 276 -18.44 -10.46 -1.67
C LEU A 276 -17.05 -10.01 -1.27
N VAL A 277 -16.06 -10.89 -1.22
CA VAL A 277 -14.71 -10.52 -0.73
C VAL A 277 -14.11 -9.34 -1.52
N PRO A 278 -14.23 -9.38 -2.85
CA PRO A 278 -13.60 -8.26 -3.57
C PRO A 278 -14.23 -6.89 -3.27
N GLN A 279 -15.55 -6.86 -3.11
CA GLN A 279 -16.20 -5.64 -2.72
C GLN A 279 -15.68 -5.19 -1.37
N ALA A 280 -15.49 -6.12 -0.46
CA ALA A 280 -15.05 -5.78 0.90
C ALA A 280 -13.63 -5.23 0.93
N VAL A 281 -12.76 -5.80 0.12
CA VAL A 281 -11.45 -5.25 -0.08
C VAL A 281 -11.56 -3.78 -0.55
N GLU A 282 -12.47 -3.49 -1.45
CA GLU A 282 -12.57 -2.13 -2.02
C GLU A 282 -13.09 -1.17 -0.99
N GLU A 283 -14.01 -1.64 -0.16
CA GLU A 283 -14.53 -0.82 0.90
C GLU A 283 -13.47 -0.53 1.95
N MET A 284 -12.56 -1.50 2.19
CA MET A 284 -11.41 -1.28 3.08
C MET A 284 -10.42 -0.30 2.51
N LEU A 285 -10.19 -0.33 1.20
CA LEU A 285 -9.26 0.61 0.65
C LEU A 285 -9.85 1.99 0.81
N ARG A 286 -11.18 2.10 0.72
CA ARG A 286 -11.84 3.41 0.83
C ARG A 286 -11.82 3.97 2.23
N TYR A 287 -12.11 3.13 3.22
CA TYR A 287 -12.47 3.55 4.57
C TYR A 287 -11.38 3.35 5.61
N ARG A 288 -10.50 2.39 5.37
CA ARG A 288 -9.49 1.97 6.36
C ARG A 288 -8.08 1.98 5.89
N PHE A 289 -7.80 2.57 4.74
CA PHE A 289 -6.41 2.80 4.39
C PHE A 289 -6.04 4.21 4.80
N ASN A 290 -5.86 4.42 6.07
CA ASN A 290 -5.75 5.78 6.54
C ASN A 290 -4.39 6.37 6.70
N LEU A 291 -4.47 7.69 6.77
CA LEU A 291 -3.67 8.69 6.13
C LEU A 291 -2.74 8.29 5.04
N ILE A 292 -3.24 8.45 3.82
CA ILE A 292 -2.43 8.41 2.63
C ILE A 292 -2.61 9.75 1.94
N LYS A 293 -1.52 10.26 1.40
CA LYS A 293 -1.53 11.56 0.75
C LYS A 293 -0.51 11.60 -0.34
N LEU A 294 -0.64 12.57 -1.22
CA LEU A 294 0.28 12.71 -2.31
C LEU A 294 0.61 14.16 -2.61
N ASP A 295 1.71 14.33 -3.34
CA ASP A 295 2.33 15.62 -3.60
C ASP A 295 2.28 15.97 -5.06
N ARG A 296 2.02 17.23 -5.34
CA ARG A 296 2.15 17.76 -6.68
C ARG A 296 2.68 19.19 -6.60
N THR A 297 3.27 19.66 -7.69
CA THR A 297 3.75 21.03 -7.81
C THR A 297 3.04 21.71 -8.96
N VAL A 298 2.66 22.97 -8.75
CA VAL A 298 1.79 23.69 -9.71
C VAL A 298 2.70 24.18 -10.83
N LYS A 299 2.28 23.98 -12.08
CA LYS A 299 3.09 24.40 -13.24
C LYS A 299 2.39 25.33 -14.25
N GLU A 300 1.19 25.78 -13.93
CA GLU A 300 0.53 26.76 -14.76
C GLU A 300 -0.60 27.23 -13.89
N ASP A 301 -0.74 28.56 -13.78
CA ASP A 301 -1.62 29.16 -12.79
C ASP A 301 -3.08 29.00 -13.16
N ASN A 302 -3.91 28.96 -12.13
CA ASN A 302 -5.29 28.52 -12.28
C ASN A 302 -6.07 28.81 -11.01
N ASP A 303 -7.38 28.96 -11.17
CA ASP A 303 -8.30 28.84 -10.06
C ASP A 303 -8.54 27.32 -9.96
N LEU A 304 -9.52 26.79 -10.70
CA LEU A 304 -9.85 25.34 -10.75
C LEU A 304 -10.27 24.72 -9.42
N LEU A 305 -9.48 24.97 -8.38
CA LEU A 305 -9.87 24.71 -6.98
C LEU A 305 -10.70 25.84 -6.32
N GLY A 306 -10.77 27.02 -6.95
CA GLY A 306 -11.30 28.24 -6.34
C GLY A 306 -10.30 29.05 -5.49
N VAL A 307 -8.99 28.79 -5.63
CA VAL A 307 -7.94 29.68 -5.10
C VAL A 307 -6.86 29.90 -6.16
N GLU A 308 -6.43 31.14 -6.36
CA GLU A 308 -5.37 31.43 -7.33
C GLU A 308 -4.03 30.85 -6.83
N LEU A 309 -3.69 29.71 -7.42
CA LEU A 309 -2.43 29.04 -7.16
C LEU A 309 -1.45 29.45 -8.22
N LYS A 310 -0.21 29.64 -7.76
CA LYS A 310 0.86 30.07 -8.61
C LYS A 310 1.83 28.91 -8.81
N GLU A 311 2.47 28.90 -9.97
CA GLU A 311 3.52 27.96 -10.31
C GLU A 311 4.55 27.83 -9.18
N GLY A 312 4.97 26.59 -8.89
CA GLY A 312 5.99 26.31 -7.87
C GLY A 312 5.50 25.96 -6.48
N GLU A 313 4.26 26.35 -6.14
CA GLU A 313 3.66 26.04 -4.83
C GLU A 313 3.37 24.55 -4.75
N ASN A 314 3.38 24.02 -3.52
CA ASN A 314 3.21 22.58 -3.27
C ASN A 314 1.79 22.24 -2.86
N VAL A 315 1.09 21.48 -3.69
CA VAL A 315 -0.25 21.02 -3.38
C VAL A 315 -0.13 19.60 -2.83
N VAL A 316 -0.56 19.38 -1.59
CA VAL A 316 -0.71 18.03 -1.01
C VAL A 316 -2.17 17.64 -1.14
N VAL A 317 -2.44 16.42 -1.62
CA VAL A 317 -3.83 15.87 -1.64
C VAL A 317 -3.98 14.75 -0.60
N TRP A 318 -5.16 14.69 0.03
CA TRP A 318 -5.46 13.77 1.12
C TRP A 318 -6.53 12.84 0.61
N MET A 319 -6.11 11.73 0.00
CA MET A 319 -7.08 10.76 -0.55
C MET A 319 -7.93 10.14 0.57
N SER A 320 -7.32 9.93 1.72
CA SER A 320 -8.03 9.34 2.84
C SER A 320 -9.32 10.13 3.09
N ALA A 321 -9.21 11.44 3.05
CA ALA A 321 -10.33 12.35 3.19
C ALA A 321 -11.24 12.34 1.97
N ALA A 322 -10.65 12.41 0.79
CA ALA A 322 -11.43 12.37 -0.43
C ALA A 322 -12.34 11.18 -0.39
N ASN A 323 -11.79 10.01 -0.06
CA ASN A 323 -12.57 8.78 0.15
C ASN A 323 -13.73 8.86 1.15
N LEU A 324 -13.77 9.94 1.92
CA LEU A 324 -14.78 10.16 2.93
C LEU A 324 -15.62 11.42 2.67
N ASP A 325 -15.71 11.83 1.40
CA ASP A 325 -16.48 12.98 1.00
C ASP A 325 -17.88 12.52 0.74
N GLU A 326 -18.84 13.05 1.49
CA GLU A 326 -20.28 12.74 1.31
C GLU A 326 -20.82 13.05 -0.09
N GLU A 327 -20.22 14.02 -0.78
CA GLU A 327 -20.66 14.34 -2.13
C GLU A 327 -20.58 13.11 -3.03
N MET A 328 -19.47 12.38 -2.97
CA MET A 328 -19.30 11.16 -3.75
C MET A 328 -19.88 9.88 -3.11
N PHE A 329 -19.83 9.77 -1.78
CA PHE A 329 -20.12 8.50 -1.07
C PHE A 329 -21.23 8.67 -0.06
N GLU A 330 -22.31 7.92 -0.21
CA GLU A 330 -23.44 8.01 0.70
C GLU A 330 -23.01 7.40 2.01
N ASP A 331 -23.27 8.10 3.12
CA ASP A 331 -22.84 7.66 4.48
C ASP A 331 -21.36 7.37 4.55
N ALA A 332 -20.61 8.36 4.14
CA ALA A 332 -19.20 8.25 3.94
C ALA A 332 -18.46 7.67 5.18
N PHE A 333 -18.98 7.93 6.38
CA PHE A 333 -18.28 7.58 7.64
C PHE A 333 -18.64 6.23 8.20
N THR A 334 -19.22 5.40 7.34
CA THR A 334 -19.78 4.15 7.73
C THR A 334 -19.26 3.09 6.82
N LEU A 335 -18.78 2.01 7.42
CA LEU A 335 -18.33 0.84 6.70
C LEU A 335 -19.58 0.20 6.08
N ASN A 336 -19.62 0.24 4.75
CA ASN A 336 -20.70 -0.30 3.94
C ASN A 336 -20.14 -0.95 2.67
N ILE A 337 -20.07 -2.29 2.72
CA ILE A 337 -19.50 -3.05 1.64
C ILE A 337 -20.42 -3.19 0.45
N HIS A 338 -21.69 -2.79 0.60
CA HIS A 338 -22.67 -2.79 -0.48
C HIS A 338 -22.80 -1.47 -1.17
N ARG A 339 -22.18 -0.42 -0.66
CA ARG A 339 -22.31 0.93 -1.27
C ARG A 339 -21.93 0.78 -2.73
N PRO A 340 -22.83 1.19 -3.65
CA PRO A 340 -22.59 0.96 -5.08
C PRO A 340 -21.18 1.29 -5.62
N ASN A 341 -20.60 2.43 -5.22
CA ASN A 341 -19.43 3.02 -5.88
C ASN A 341 -18.13 3.02 -5.03
N ASN A 342 -18.00 2.06 -4.11
CA ASN A 342 -16.77 1.93 -3.30
C ASN A 342 -15.49 1.96 -4.12
N LYS A 343 -15.50 1.29 -5.27
CA LYS A 343 -14.31 1.16 -6.15
C LYS A 343 -13.83 2.45 -6.82
N LYS A 344 -14.57 3.55 -6.67
CA LYS A 344 -14.18 4.87 -7.15
C LYS A 344 -13.30 5.67 -6.15
N HIS A 345 -12.88 5.02 -5.07
CA HIS A 345 -11.93 5.59 -4.13
C HIS A 345 -10.61 5.93 -4.79
N LEU A 346 -9.84 6.81 -4.16
CA LEU A 346 -8.59 7.31 -4.72
C LEU A 346 -7.37 6.76 -4.02
N THR A 347 -7.52 5.64 -3.32
CA THR A 347 -6.45 5.06 -2.60
C THR A 347 -5.29 4.60 -3.50
N PHE A 348 -5.59 4.18 -4.74
CA PHE A 348 -4.55 3.81 -5.69
C PHE A 348 -4.17 4.98 -6.61
N GLY A 349 -4.71 6.17 -6.37
CA GLY A 349 -4.53 7.33 -7.25
C GLY A 349 -5.55 7.45 -8.38
N ASN A 350 -5.19 8.25 -9.37
CA ASN A 350 -6.07 8.50 -10.52
C ASN A 350 -5.26 9.15 -11.61
N GLY A 351 -5.53 8.74 -12.85
CA GLY A 351 -4.82 9.28 -14.01
C GLY A 351 -3.55 8.50 -14.28
N PRO A 352 -2.60 9.10 -15.00
CA PRO A 352 -1.44 8.29 -15.46
C PRO A 352 -0.64 7.52 -14.40
N HIS A 353 -0.58 8.00 -13.15
CA HIS A 353 0.30 7.38 -12.11
C HIS A 353 -0.44 6.34 -11.28
N PHE A 354 -1.70 6.09 -11.63
CA PHE A 354 -2.49 5.01 -11.03
C PHE A 354 -1.64 3.78 -10.69
N CYS A 355 -1.69 3.37 -9.41
CA CYS A 355 -0.83 2.32 -8.87
C CYS A 355 -0.73 1.16 -9.83
N LEU A 356 0.49 0.93 -10.29
CA LEU A 356 0.78 -0.16 -11.22
C LEU A 356 0.65 -1.50 -10.52
N GLY A 357 0.72 -1.48 -9.18
CA GLY A 357 0.58 -2.70 -8.38
C GLY A 357 -0.79 -3.03 -7.86
N ALA A 358 -1.80 -2.31 -8.33
CA ALA A 358 -3.16 -2.55 -7.86
C ALA A 358 -3.68 -3.95 -8.14
N PRO A 359 -3.44 -4.48 -9.34
CA PRO A 359 -3.93 -5.81 -9.61
C PRO A 359 -3.42 -6.83 -8.63
N LEU A 360 -2.12 -6.76 -8.36
CA LEU A 360 -1.48 -7.60 -7.38
C LEU A 360 -1.98 -7.38 -5.99
N ALA A 361 -2.08 -6.11 -5.60
CA ALA A 361 -2.51 -5.79 -4.22
C ALA A 361 -3.95 -6.29 -4.01
N ARG A 362 -4.84 -5.99 -4.97
CA ARG A 362 -6.19 -6.53 -4.92
C ARG A 362 -6.24 -8.07 -4.89
N LEU A 363 -5.31 -8.69 -5.63
CA LEU A 363 -5.21 -10.13 -5.69
C LEU A 363 -4.77 -10.73 -4.35
N GLU A 364 -3.64 -10.28 -3.82
CA GLU A 364 -3.18 -10.67 -2.47
C GLU A 364 -4.25 -10.54 -1.36
N ALA A 365 -4.99 -9.44 -1.36
CA ALA A 365 -6.04 -9.22 -0.34
C ALA A 365 -7.22 -10.20 -0.48
N LYS A 366 -7.70 -10.38 -1.72
CA LYS A 366 -8.77 -11.32 -2.00
C LYS A 366 -8.32 -12.74 -1.59
N ILE A 367 -7.17 -13.19 -2.08
CA ILE A 367 -6.67 -14.51 -1.69
C ILE A 367 -6.49 -14.64 -0.18
N ALA A 368 -5.95 -13.63 0.46
CA ALA A 368 -5.66 -13.71 1.89
C ALA A 368 -6.90 -13.87 2.73
N LEU A 369 -7.86 -12.98 2.48
CA LEU A 369 -9.17 -13.02 3.16
C LEU A 369 -9.96 -14.28 2.86
N THR A 370 -10.12 -14.61 1.56
CA THR A 370 -10.84 -15.80 1.11
C THR A 370 -10.27 -17.08 1.75
N THR A 371 -8.96 -17.24 1.76
CA THR A 371 -8.38 -18.44 2.33
C THR A 371 -8.69 -18.58 3.84
N PHE A 372 -8.65 -17.44 4.54
CA PHE A 372 -8.93 -17.36 5.98
C PHE A 372 -10.38 -17.67 6.30
N LEU A 373 -11.28 -17.05 5.55
CA LEU A 373 -12.71 -17.25 5.70
C LEU A 373 -13.12 -18.70 5.47
N LYS A 374 -12.43 -19.37 4.56
CA LYS A 374 -12.68 -20.77 4.28
C LYS A 374 -12.31 -21.67 5.41
N LYS A 375 -11.34 -21.29 6.20
CA LYS A 375 -10.97 -22.12 7.33
C LYS A 375 -11.74 -21.71 8.57
N PHE A 376 -12.03 -20.41 8.72
CA PHE A 376 -12.56 -19.94 9.99
C PHE A 376 -13.95 -19.39 9.85
N LYS A 377 -14.90 -19.96 10.61
CA LYS A 377 -16.26 -19.48 10.62
C LYS A 377 -16.49 -18.20 11.45
N HIS A 378 -15.69 -17.97 12.50
CA HIS A 378 -15.92 -16.85 13.43
C HIS A 378 -14.60 -16.33 13.94
N ILE A 379 -14.55 -15.03 14.23
CA ILE A 379 -13.39 -14.39 14.86
C ILE A 379 -13.87 -13.53 15.99
N GLU A 380 -13.01 -13.40 16.99
CA GLU A 380 -13.34 -12.71 18.22
C GLU A 380 -12.16 -11.81 18.56
N ALA A 381 -12.44 -10.56 18.88
CA ALA A 381 -11.43 -9.65 19.39
C ALA A 381 -11.06 -10.03 20.82
N VAL A 382 -9.78 -9.96 21.15
CA VAL A 382 -9.32 -10.18 22.51
C VAL A 382 -9.64 -8.97 23.42
N PRO A 383 -10.45 -9.19 24.48
CA PRO A 383 -10.85 -8.08 25.37
C PRO A 383 -9.70 -7.20 25.88
N SER A 384 -8.57 -7.80 26.23
CA SER A 384 -7.43 -7.06 26.80
C SER A 384 -6.61 -6.19 25.81
N PHE A 385 -6.92 -6.24 24.53
CA PHE A 385 -6.13 -5.55 23.52
C PHE A 385 -6.26 -4.02 23.62
N GLN A 386 -5.12 -3.35 23.89
CA GLN A 386 -5.05 -1.90 23.90
C GLN A 386 -4.48 -1.38 22.60
N LEU A 387 -5.34 -0.70 21.85
CA LEU A 387 -4.95 -0.20 20.55
C LEU A 387 -3.81 0.82 20.63
N GLU A 388 -3.74 1.66 21.67
CA GLU A 388 -2.72 2.74 21.73
C GLU A 388 -1.28 2.22 21.87
N ASP A 389 -1.11 1.16 22.65
CA ASP A 389 0.06 0.29 22.53
C ASP A 389 -0.18 -0.38 21.19
N ASN A 390 0.71 -1.19 20.65
CA ASN A 390 0.38 -1.83 19.32
C ASN A 390 0.15 -0.92 18.09
N LEU A 391 0.37 0.39 18.21
CA LEU A 391 0.52 1.27 17.05
C LEU A 391 1.92 1.89 16.98
N THR A 392 2.50 1.96 15.78
CA THR A 392 3.81 2.63 15.53
C THR A 392 3.76 3.56 14.32
N ASP A 393 4.65 4.55 14.33
CA ASP A 393 4.73 5.59 13.26
C ASP A 393 5.12 4.97 11.91
N SER A 394 4.54 5.50 10.84
CA SER A 394 4.82 5.01 9.51
C SER A 394 4.60 6.12 8.47
N ALA A 395 4.82 5.79 7.20
CA ALA A 395 4.49 6.69 6.09
C ALA A 395 2.98 6.97 5.94
N THR A 396 2.12 6.05 6.41
CA THR A 396 0.67 6.25 6.42
C THR A 396 0.09 6.91 7.69
N GLY A 397 0.89 7.09 8.73
CA GLY A 397 0.45 7.72 9.97
C GLY A 397 0.84 6.84 11.12
N GLN A 398 -0.06 5.89 11.40
CA GLN A 398 0.18 4.82 12.34
C GLN A 398 -0.11 3.46 11.70
N THR A 399 0.39 2.40 12.31
CA THR A 399 0.20 1.08 11.73
C THR A 399 0.30 -0.01 12.83
N LEU A 400 -0.54 -1.06 12.72
CA LEU A 400 -0.64 -2.07 13.75
C LEU A 400 0.66 -2.84 13.77
N THR A 401 1.27 -2.93 14.95
CA THR A 401 2.39 -3.82 15.15
C THR A 401 1.94 -5.17 15.64
N SER A 402 0.68 -5.24 16.04
CA SER A 402 0.07 -6.48 16.46
C SER A 402 -1.45 -6.37 16.36
N LEU A 403 -2.09 -7.51 16.14
CA LEU A 403 -3.53 -7.58 16.15
C LEU A 403 -3.95 -9.01 16.51
N PRO A 404 -4.24 -9.27 17.78
CA PRO A 404 -4.65 -10.61 18.20
C PRO A 404 -6.14 -10.89 17.98
N LEU A 405 -6.47 -12.11 17.56
CA LEU A 405 -7.83 -12.60 17.59
C LEU A 405 -7.95 -14.07 18.01
N LYS A 406 -9.14 -14.45 18.49
CA LYS A 406 -9.52 -15.88 18.62
C LYS A 406 -10.33 -16.28 17.43
N ALA A 407 -10.09 -17.44 16.87
CA ALA A 407 -10.88 -17.90 15.73
C ALA A 407 -11.43 -19.31 15.89
N CYS A 408 -12.38 -19.64 15.03
CA CYS A 408 -13.19 -20.85 15.16
C CYS A 408 -13.21 -21.65 13.88
N ARG A 409 -12.69 -22.87 13.91
CA ARG A 409 -12.56 -23.74 12.72
C ARG A 409 -13.82 -24.13 11.93
N THR A 410 -13.52 -24.73 10.76
CA THR A 410 -14.45 -25.35 9.81
C THR A 410 -15.54 -24.36 9.40
N LEU A 411 -16.76 -24.86 9.18
CA LEU A 411 -17.98 -24.05 9.18
C LEU A 411 -18.92 -24.68 10.22
CHA HEM B . 1.83 4.22 -7.38
CHB HEM B . -1.02 3.14 -3.75
CHC HEM B . 0.62 -1.39 -3.79
CHD HEM B . 3.74 -0.18 -7.14
C1A HEM B . 0.89 4.28 -6.41
C2A HEM B . 0.18 5.44 -6.12
C3A HEM B . -0.62 5.14 -5.09
C4A HEM B . -0.38 3.81 -4.75
CMA HEM B . -1.60 6.08 -4.44
CAA HEM B . 0.23 6.75 -6.88
CBA HEM B . 1.49 7.60 -6.62
CGA HEM B . 1.37 8.98 -7.27
O1A HEM B . 0.40 9.30 -8.00
O2A HEM B . 2.29 9.79 -7.07
C1B HEM B . -0.85 1.79 -3.46
C2B HEM B . -1.62 1.10 -2.49
C3B HEM B . -1.15 -0.19 -2.46
C4B HEM B . -0.07 -0.23 -3.48
CMB HEM B . -2.69 1.72 -1.62
CAB HEM B . -1.56 -1.37 -1.70
CBB HEM B . -2.64 -1.41 -0.93
C1C HEM B . 1.61 -1.48 -4.73
C2C HEM B . 2.28 -2.63 -5.05
C3C HEM B . 3.22 -2.28 -5.98
C4C HEM B . 3.05 -0.90 -6.23
CMC HEM B . 1.98 -3.97 -4.43
CAC HEM B . 4.17 -3.12 -6.69
CBC HEM B . 4.28 -4.42 -6.53
C1D HEM B . 3.41 1.15 -7.46
C2D HEM B . 4.12 1.86 -8.53
C3D HEM B . 3.59 3.10 -8.60
C4D HEM B . 2.56 3.11 -7.57
CMD HEM B . 5.23 1.38 -9.42
CAD HEM B . 3.98 4.22 -9.55
CBD HEM B . 3.27 4.15 -10.92
CGD HEM B . 3.44 5.41 -11.74
O1D HEM B . 3.86 6.49 -11.25
O2D HEM B . 3.13 5.43 -12.94
NA HEM B . 0.59 3.32 -5.52
NB HEM B . 0.04 1.00 -3.99
NC HEM B . 2.09 -0.44 -5.44
ND HEM B . 2.51 1.96 -6.89
FE HEM B . 1.32 1.50 -5.54
#